data_1F5N
#
_entry.id   1F5N
#
_cell.length_a   161.228
_cell.length_b   42.652
_cell.length_c   91.544
_cell.angle_alpha   90.00
_cell.angle_beta   100.19
_cell.angle_gamma   90.00
#
_symmetry.space_group_name_H-M   'C 1 2 1'
#
loop_
_entity.id
_entity.type
_entity.pdbx_description
1 polymer 'INTERFERON-INDUCED GUANYLATE-BINDING PROTEIN 1'
2 non-polymer 'MAGNESIUM ION'
3 non-polymer 'PHOSPHOAMINOPHOSPHONIC ACID-GUANYLATE ESTER'
4 water water
#
_entity_poly.entity_id   1
_entity_poly.type   'polypeptide(L)'
_entity_poly.pdbx_seq_one_letter_code
;MASEIHMTGPMCLIENTNGRLMANPEALKILSAITQPMVVVAIVGLYRTGKSYLMNKLAGKKKGFSLGSTVQSHTKGIWM
WCVPHPKKPGHILVLLDTEGLGDVEKGDNQNDSWIFALAVLLSSTFVYNSIGTINQQAMDQLYYVTELTHRIRSKSSPDE
NENEVEDSADFVSFFPDFVWTLRDFSLDLEADGQPLTPDEYLTYSLKLKKGTSQKDETFNLPRLCIRKFFPKKKCFVFDR
PVHRRKLAQLEKLQDEELDPEFVQQVADFCSYIFSNSKTKTLSGGIQVNGPRLESLVLTYVNAISSGDLPCMENAVLALA
QIENSAAVQKAIAHYEQQMGQKVQLPTESLQELLDLHRDSEREAIEVFIRSSFKDVDHLFQKELAAQLEKKRDDFCKQNQ
EASSDRCSGLLQVIFSPLEEEVKAGIYSKPGGYRLFVQKLQDLKKKYYEEPRKGIQAEEILQTYLKSKESMTDAILQTDQ
TLTEKEKEIEVERVKAESAQASAKMLHEMQRKNEQMMEQKERSYQEHLKQLTEKMENDRVQLLKEQERTLALKLQEQEQL
LKEGFQKESRIMKNEIQDLQTKMRRRKACTIS
;
_entity_poly.pdbx_strand_id   A
#
loop_
_chem_comp.id
_chem_comp.type
_chem_comp.name
_chem_comp.formula
GNP non-polymer 'PHOSPHOAMINOPHOSPHONIC ACID-GUANYLATE ESTER' 'C10 H17 N6 O13 P3'
MG non-polymer 'MAGNESIUM ION' 'Mg 2'
#
# COMPACT_ATOMS: atom_id res chain seq x y z
N MET A 7 3.89 -7.20 23.57
CA MET A 7 3.97 -6.12 24.60
C MET A 7 3.49 -6.61 25.96
N THR A 8 4.40 -6.65 26.92
CA THR A 8 4.06 -7.08 28.28
C THR A 8 3.15 -6.04 28.91
N GLY A 9 3.27 -4.80 28.44
CA GLY A 9 2.45 -3.72 28.98
C GLY A 9 2.38 -2.52 28.04
N PRO A 10 1.53 -1.54 28.35
CA PRO A 10 1.42 -0.36 27.49
C PRO A 10 2.68 0.50 27.45
N MET A 11 2.78 1.32 26.42
CA MET A 11 3.90 2.22 26.21
C MET A 11 3.34 3.53 25.69
N CYS A 12 3.99 4.64 26.01
CA CYS A 12 3.54 5.93 25.53
C CYS A 12 3.82 6.02 24.03
N LEU A 13 2.80 6.35 23.25
CA LEU A 13 2.95 6.47 21.79
C LEU A 13 3.21 7.92 21.44
N ILE A 14 2.40 8.82 21.97
CA ILE A 14 2.56 10.25 21.72
C ILE A 14 2.72 10.96 23.05
N GLU A 15 3.88 11.58 23.23
CA GLU A 15 4.20 12.30 24.46
C GLU A 15 3.63 13.71 24.38
N ASN A 16 3.23 14.25 25.53
CA ASN A 16 2.69 15.61 25.60
C ASN A 16 3.46 16.31 26.71
N THR A 17 4.50 17.04 26.34
CA THR A 17 5.32 17.74 27.32
C THR A 17 5.56 19.20 26.92
N ASN A 18 5.37 20.10 27.88
CA ASN A 18 5.58 21.51 27.64
C ASN A 18 4.78 22.04 26.46
N GLY A 19 3.57 21.54 26.29
CA GLY A 19 2.72 21.98 25.20
C GLY A 19 3.03 21.39 23.84
N ARG A 20 3.99 20.48 23.80
CA ARG A 20 4.36 19.85 22.54
C ARG A 20 4.04 18.37 22.47
N LEU A 21 3.47 17.96 21.34
CA LEU A 21 3.13 16.56 21.12
C LEU A 21 4.23 15.97 20.25
N MET A 22 4.76 14.83 20.63
CA MET A 22 5.80 14.21 19.84
C MET A 22 5.74 12.70 19.92
N ALA A 23 5.96 12.06 18.77
CA ALA A 23 5.93 10.61 18.70
C ALA A 23 7.10 10.01 19.46
N ASN A 24 6.83 8.96 20.22
CA ASN A 24 7.85 8.26 20.99
C ASN A 24 8.57 7.31 20.05
N PRO A 25 9.86 7.57 19.78
CA PRO A 25 10.61 6.69 18.87
C PRO A 25 10.57 5.21 19.26
N GLU A 26 10.59 4.94 20.57
CA GLU A 26 10.55 3.56 21.03
C GLU A 26 9.24 2.89 20.65
N ALA A 27 8.15 3.66 20.68
CA ALA A 27 6.84 3.12 20.33
C ALA A 27 6.75 2.89 18.82
N LEU A 28 7.31 3.82 18.04
CA LEU A 28 7.28 3.69 16.59
C LEU A 28 8.03 2.43 16.19
N LYS A 29 9.12 2.15 16.90
CA LYS A 29 9.94 0.97 16.63
C LYS A 29 9.13 -0.31 16.84
N ILE A 30 8.34 -0.34 17.90
CA ILE A 30 7.51 -1.50 18.18
C ILE A 30 6.48 -1.69 17.06
N LEU A 31 5.89 -0.58 16.63
CA LEU A 31 4.91 -0.64 15.56
C LEU A 31 5.48 -1.16 14.24
N SER A 32 6.71 -0.73 13.93
CA SER A 32 7.34 -1.17 12.69
C SER A 32 7.46 -2.68 12.62
N ALA A 33 7.43 -3.34 13.78
CA ALA A 33 7.58 -4.79 13.82
C ALA A 33 6.28 -5.60 13.76
N ILE A 34 5.13 -4.94 13.90
CA ILE A 34 3.85 -5.63 13.85
C ILE A 34 3.26 -5.56 12.45
N THR A 35 3.35 -6.67 11.72
CA THR A 35 2.87 -6.72 10.35
C THR A 35 1.41 -7.13 10.16
N GLN A 36 0.77 -7.62 11.21
CA GLN A 36 -0.62 -8.05 11.10
C GLN A 36 -1.61 -6.89 11.15
N PRO A 37 -2.79 -7.07 10.53
CA PRO A 37 -3.84 -6.04 10.50
C PRO A 37 -4.27 -5.67 11.91
N MET A 38 -4.60 -4.40 12.11
CA MET A 38 -4.97 -3.92 13.43
C MET A 38 -6.36 -3.32 13.56
N VAL A 39 -7.01 -3.61 14.69
CA VAL A 39 -8.31 -3.04 15.01
C VAL A 39 -7.88 -2.05 16.10
N VAL A 40 -8.10 -0.76 15.86
CA VAL A 40 -7.68 0.26 16.82
C VAL A 40 -8.85 0.85 17.59
N VAL A 41 -8.79 0.74 18.91
CA VAL A 41 -9.85 1.27 19.77
C VAL A 41 -9.26 2.35 20.67
N ALA A 42 -9.78 3.56 20.56
CA ALA A 42 -9.30 4.67 21.37
C ALA A 42 -10.40 5.14 22.33
N ILE A 43 -10.01 5.60 23.52
CA ILE A 43 -10.97 6.10 24.47
C ILE A 43 -10.59 7.53 24.86
N VAL A 44 -11.59 8.39 24.98
CA VAL A 44 -11.41 9.78 25.35
C VAL A 44 -12.52 10.22 26.28
N GLY A 45 -12.27 11.30 27.02
CA GLY A 45 -13.28 11.83 27.92
C GLY A 45 -12.64 12.61 29.05
N LEU A 46 -13.47 13.25 29.86
CA LEU A 46 -13.00 14.02 31.00
C LEU A 46 -12.08 13.18 31.88
N TYR A 47 -11.09 13.83 32.51
CA TYR A 47 -10.18 13.12 33.38
C TYR A 47 -10.93 12.54 34.57
N ARG A 48 -10.37 11.50 35.17
CA ARG A 48 -10.96 10.82 36.33
C ARG A 48 -12.34 10.21 36.09
N THR A 49 -12.58 9.71 34.87
CA THR A 49 -13.88 9.08 34.58
C THR A 49 -13.78 7.58 34.38
N GLY A 50 -12.65 7.01 34.76
CA GLY A 50 -12.45 5.58 34.63
C GLY A 50 -12.12 5.08 33.24
N LYS A 51 -11.49 5.91 32.43
CA LYS A 51 -11.13 5.50 31.08
C LYS A 51 -10.07 4.40 31.06
N SER A 52 -8.97 4.63 31.78
CA SER A 52 -7.88 3.66 31.82
C SER A 52 -8.38 2.33 32.39
N TYR A 53 -9.21 2.41 33.42
CA TYR A 53 -9.76 1.20 34.04
C TYR A 53 -10.55 0.37 33.01
N LEU A 54 -11.39 1.04 32.23
CA LEU A 54 -12.20 0.35 31.24
C LEU A 54 -11.33 -0.23 30.13
N MET A 55 -10.31 0.50 29.71
CA MET A 55 -9.42 0.01 28.67
C MET A 55 -8.70 -1.25 29.12
N ASN A 56 -8.41 -1.35 30.41
CA ASN A 56 -7.74 -2.56 30.88
C ASN A 56 -8.67 -3.76 30.78
N LYS A 57 -9.98 -3.52 30.82
CA LYS A 57 -10.94 -4.62 30.69
C LYS A 57 -10.87 -5.19 29.27
N LEU A 58 -10.67 -4.32 28.29
CA LEU A 58 -10.57 -4.74 26.90
C LEU A 58 -9.30 -5.55 26.66
N ALA A 59 -8.26 -5.24 27.43
CA ALA A 59 -7.00 -5.97 27.33
C ALA A 59 -7.24 -7.29 28.05
N GLY A 60 -8.34 -7.34 28.78
CA GLY A 60 -8.69 -8.53 29.52
C GLY A 60 -7.63 -8.88 30.54
N LYS A 61 -7.05 -7.86 31.16
CA LYS A 61 -6.02 -8.12 32.16
C LYS A 61 -5.92 -7.06 33.24
N LYS A 62 -5.53 -7.49 34.42
CA LYS A 62 -5.34 -6.58 35.53
C LYS A 62 -3.90 -6.12 35.30
N LYS A 63 -3.56 -4.93 35.77
CA LYS A 63 -2.20 -4.42 35.55
C LYS A 63 -2.05 -4.13 34.06
N GLY A 64 -2.30 -2.89 33.68
CA GLY A 64 -2.16 -2.48 32.29
C GLY A 64 -1.90 -1.00 32.32
N PHE A 65 -2.82 -0.22 31.75
CA PHE A 65 -2.65 1.23 31.77
C PHE A 65 -2.75 1.65 33.24
N SER A 66 -1.87 2.54 33.69
CA SER A 66 -1.90 2.97 35.08
C SER A 66 -3.15 3.78 35.41
N LEU A 67 -3.65 3.59 36.62
CA LEU A 67 -4.85 4.29 37.08
C LEU A 67 -4.54 5.44 38.02
N GLY A 68 -5.42 6.43 38.03
CA GLY A 68 -5.26 7.57 38.90
C GLY A 68 -6.28 7.48 40.01
N SER A 69 -6.52 8.59 40.68
CA SER A 69 -7.49 8.63 41.76
C SER A 69 -8.81 9.17 41.21
N THR A 70 -9.78 9.35 42.09
CA THR A 70 -11.09 9.85 41.68
C THR A 70 -11.11 11.38 41.67
N VAL A 71 -10.01 12.01 42.08
CA VAL A 71 -9.96 13.47 42.13
C VAL A 71 -8.80 14.13 41.39
N GLN A 72 -7.81 13.36 40.98
CA GLN A 72 -6.65 13.92 40.27
C GLN A 72 -6.45 13.26 38.90
N SER A 73 -5.99 14.05 37.93
CA SER A 73 -5.72 13.54 36.60
C SER A 73 -4.55 12.57 36.66
N HIS A 74 -4.45 11.66 35.70
CA HIS A 74 -3.36 10.70 35.71
C HIS A 74 -2.66 10.50 34.36
N THR A 75 -3.36 9.93 33.39
CA THR A 75 -2.77 9.66 32.09
C THR A 75 -2.38 10.92 31.34
N LYS A 76 -1.22 10.88 30.70
CA LYS A 76 -0.72 12.02 29.93
C LYS A 76 -0.37 11.55 28.52
N GLY A 77 -0.63 12.40 27.52
CA GLY A 77 -0.35 12.05 26.14
C GLY A 77 -1.26 10.92 25.69
N ILE A 78 -0.78 10.10 24.76
CA ILE A 78 -1.55 8.95 24.27
C ILE A 78 -0.70 7.70 24.45
N TRP A 79 -1.26 6.71 25.13
CA TRP A 79 -0.57 5.45 25.36
C TRP A 79 -1.15 4.35 24.48
N MET A 80 -0.32 3.39 24.10
CA MET A 80 -0.81 2.30 23.26
C MET A 80 -0.47 0.96 23.88
N TRP A 81 -1.27 -0.04 23.54
CA TRP A 81 -1.03 -1.40 24.03
C TRP A 81 -1.54 -2.31 22.92
N CYS A 82 -0.61 -3.01 22.28
CA CYS A 82 -0.95 -3.93 21.21
C CYS A 82 -1.02 -5.32 21.79
N VAL A 83 -2.19 -5.93 21.72
CA VAL A 83 -2.40 -7.27 22.25
C VAL A 83 -3.09 -8.14 21.20
N PRO A 84 -2.98 -9.47 21.33
CA PRO A 84 -3.65 -10.27 20.30
C PRO A 84 -5.17 -10.09 20.41
N HIS A 85 -5.84 -10.03 19.27
CA HIS A 85 -7.29 -9.86 19.25
C HIS A 85 -7.90 -11.18 19.71
N PRO A 86 -8.70 -11.14 20.79
CA PRO A 86 -9.34 -12.34 21.34
C PRO A 86 -10.42 -13.02 20.50
N LYS A 87 -10.90 -12.36 19.46
CA LYS A 87 -11.94 -12.96 18.62
C LYS A 87 -11.59 -13.01 17.14
N LYS A 88 -10.46 -12.41 16.78
CA LYS A 88 -10.03 -12.41 15.38
C LYS A 88 -8.57 -12.87 15.24
N PRO A 89 -8.37 -14.17 15.00
CA PRO A 89 -7.00 -14.66 14.86
C PRO A 89 -6.29 -13.96 13.70
N GLY A 90 -4.99 -13.74 13.85
CA GLY A 90 -4.23 -13.07 12.80
C GLY A 90 -4.36 -11.55 12.88
N HIS A 91 -5.15 -11.08 13.84
CA HIS A 91 -5.33 -9.65 14.00
C HIS A 91 -4.81 -9.17 15.35
N ILE A 92 -4.43 -7.89 15.39
CA ILE A 92 -3.94 -7.30 16.63
C ILE A 92 -4.91 -6.23 17.07
N LEU A 93 -5.18 -6.19 18.36
CA LEU A 93 -6.08 -5.20 18.94
C LEU A 93 -5.16 -4.14 19.54
N VAL A 94 -5.24 -2.92 19.01
CA VAL A 94 -4.41 -1.82 19.49
C VAL A 94 -5.30 -0.92 20.34
N LEU A 95 -4.94 -0.81 21.62
CA LEU A 95 -5.70 0.00 22.57
C LEU A 95 -5.00 1.32 22.78
N LEU A 96 -5.73 2.42 22.58
CA LEU A 96 -5.15 3.74 22.78
C LEU A 96 -5.86 4.42 23.93
N ASP A 97 -5.10 4.68 25.00
CA ASP A 97 -5.62 5.33 26.19
C ASP A 97 -5.14 6.78 26.10
N THR A 98 -6.01 7.72 26.44
CA THR A 98 -5.64 9.12 26.32
C THR A 98 -5.73 9.97 27.58
N GLU A 99 -4.99 11.07 27.53
CA GLU A 99 -4.97 12.06 28.60
C GLU A 99 -6.39 12.60 28.75
N GLY A 100 -6.85 12.62 30.00
CA GLY A 100 -8.20 13.10 30.27
C GLY A 100 -8.40 14.55 29.87
N LEU A 101 -9.55 14.80 29.25
CA LEU A 101 -9.91 16.13 28.81
C LEU A 101 -10.26 16.97 30.02
N GLY A 102 -10.12 18.28 29.88
CA GLY A 102 -10.48 19.16 30.97
C GLY A 102 -11.76 19.85 30.56
N ASP A 103 -12.42 20.52 31.50
CA ASP A 103 -13.64 21.25 31.19
C ASP A 103 -13.21 22.58 30.60
N VAL A 104 -13.32 22.70 29.28
CA VAL A 104 -12.94 23.94 28.59
C VAL A 104 -13.28 25.20 29.39
N GLU A 105 -14.44 25.18 30.03
CA GLU A 105 -14.89 26.32 30.83
C GLU A 105 -13.95 26.55 32.01
N LYS A 106 -12.69 26.18 31.82
CA LYS A 106 -11.67 26.34 32.85
C LYS A 106 -10.38 26.79 32.18
N GLY A 107 -10.33 26.67 30.85
CA GLY A 107 -9.15 27.07 30.11
C GLY A 107 -8.03 26.05 30.18
N ASP A 108 -6.79 26.49 29.97
CA ASP A 108 -5.62 25.63 30.01
C ASP A 108 -5.76 24.31 29.24
N ASN A 109 -4.85 23.37 29.49
CA ASN A 109 -4.87 22.06 28.82
C ASN A 109 -4.90 22.27 27.31
N GLN A 110 -3.88 22.97 26.82
CA GLN A 110 -3.74 23.32 25.42
C GLN A 110 -4.00 22.22 24.40
N ASN A 111 -3.36 21.07 24.56
CA ASN A 111 -3.52 20.01 23.57
C ASN A 111 -4.71 19.05 23.69
N ASP A 112 -5.70 19.40 24.50
CA ASP A 112 -6.90 18.57 24.66
C ASP A 112 -7.52 18.28 23.29
N SER A 113 -7.76 19.34 22.52
CA SER A 113 -8.38 19.21 21.21
C SER A 113 -7.60 18.35 20.23
N TRP A 114 -6.26 18.46 20.28
CA TRP A 114 -5.41 17.67 19.40
C TRP A 114 -5.41 16.21 19.78
N ILE A 115 -5.41 15.93 21.08
CA ILE A 115 -5.44 14.55 21.55
C ILE A 115 -6.73 13.93 21.05
N PHE A 116 -7.82 14.67 21.21
CA PHE A 116 -9.13 14.23 20.77
C PHE A 116 -9.10 13.95 19.26
N ALA A 117 -8.57 14.90 18.48
CA ALA A 117 -8.50 14.73 17.03
C ALA A 117 -7.64 13.55 16.60
N LEU A 118 -6.50 13.37 17.26
CA LEU A 118 -5.61 12.25 16.92
C LEU A 118 -6.32 10.93 17.21
N ALA A 119 -7.06 10.88 18.31
CA ALA A 119 -7.78 9.65 18.66
C ALA A 119 -8.78 9.31 17.54
N VAL A 120 -9.43 10.34 16.98
CA VAL A 120 -10.38 10.13 15.89
C VAL A 120 -9.66 9.62 14.63
N LEU A 121 -8.55 10.27 14.29
CA LEU A 121 -7.81 9.89 13.10
C LEU A 121 -7.14 8.53 13.13
N LEU A 122 -6.71 8.11 14.31
CA LEU A 122 -6.00 6.83 14.43
C LEU A 122 -6.86 5.60 14.70
N SER A 123 -8.11 5.81 15.10
CA SER A 123 -8.95 4.68 15.48
C SER A 123 -9.93 4.08 14.48
N SER A 124 -10.38 2.86 14.82
CA SER A 124 -11.38 2.11 14.06
C SER A 124 -12.68 2.38 14.83
N THR A 125 -12.54 2.41 16.16
CA THR A 125 -13.67 2.65 17.06
C THR A 125 -13.24 3.71 18.07
N PHE A 126 -14.08 4.71 18.22
CA PHE A 126 -13.81 5.86 19.10
C PHE A 126 -14.79 5.83 20.26
N VAL A 127 -14.26 5.60 21.47
CA VAL A 127 -15.11 5.55 22.65
C VAL A 127 -15.05 6.84 23.47
N TYR A 128 -16.19 7.51 23.56
CA TYR A 128 -16.30 8.74 24.34
C TYR A 128 -16.91 8.34 25.67
N ASN A 129 -16.15 8.57 26.73
CA ASN A 129 -16.54 8.16 28.08
C ASN A 129 -16.89 9.35 28.98
N SER A 130 -18.04 9.27 29.64
CA SER A 130 -18.44 10.34 30.56
C SER A 130 -19.20 9.78 31.75
N ILE A 131 -19.31 10.59 32.79
CA ILE A 131 -20.01 10.20 34.00
C ILE A 131 -21.38 10.85 34.03
N GLY A 132 -22.41 10.07 34.35
CA GLY A 132 -23.74 10.63 34.43
C GLY A 132 -24.68 10.30 33.30
N THR A 133 -25.42 11.33 32.89
CA THR A 133 -26.40 11.20 31.82
C THR A 133 -26.03 12.14 30.69
N ILE A 134 -26.84 12.15 29.65
CA ILE A 134 -26.59 13.03 28.51
C ILE A 134 -27.51 14.24 28.67
N ASN A 135 -27.04 15.24 29.42
CA ASN A 135 -27.82 16.45 29.65
C ASN A 135 -27.06 17.64 29.06
N GLN A 136 -27.52 18.85 29.35
CA GLN A 136 -26.85 20.03 28.81
C GLN A 136 -25.39 20.09 29.23
N GLN A 137 -25.13 19.79 30.50
CA GLN A 137 -23.77 19.82 31.02
C GLN A 137 -22.88 18.88 30.22
N ALA A 138 -23.39 17.68 29.95
CA ALA A 138 -22.62 16.69 29.20
C ALA A 138 -22.40 17.12 27.76
N MET A 139 -23.42 17.70 27.14
CA MET A 139 -23.30 18.11 25.75
C MET A 139 -22.36 19.31 25.56
N ASP A 140 -22.19 20.12 26.60
CA ASP A 140 -21.29 21.28 26.48
C ASP A 140 -19.86 20.78 26.29
N GLN A 141 -19.55 19.64 26.90
CA GLN A 141 -18.22 19.07 26.80
C GLN A 141 -17.96 18.49 25.41
N LEU A 142 -19.02 18.28 24.64
CA LEU A 142 -18.86 17.73 23.30
C LEU A 142 -18.46 18.77 22.27
N TYR A 143 -18.07 19.96 22.74
CA TYR A 143 -17.62 20.99 21.81
C TYR A 143 -16.37 20.40 21.16
N TYR A 144 -15.70 19.48 21.86
CA TYR A 144 -14.51 18.86 21.30
C TYR A 144 -14.82 18.14 19.99
N VAL A 145 -16.06 17.67 19.83
CA VAL A 145 -16.42 16.99 18.60
C VAL A 145 -16.76 18.05 17.55
N THR A 146 -17.46 19.10 17.97
CA THR A 146 -17.84 20.16 17.05
C THR A 146 -16.58 20.79 16.46
N GLU A 147 -15.58 20.96 17.31
CA GLU A 147 -14.30 21.57 16.95
C GLU A 147 -13.46 20.75 15.98
N LEU A 148 -13.87 19.51 15.69
CA LEU A 148 -13.13 18.70 14.76
C LEU A 148 -13.05 19.34 13.37
N THR A 149 -14.04 20.15 13.02
CA THR A 149 -14.03 20.80 11.70
C THR A 149 -12.91 21.83 11.60
N HIS A 150 -12.34 22.18 12.75
CA HIS A 150 -11.25 23.16 12.79
C HIS A 150 -9.91 22.47 13.03
N ARG A 151 -9.95 21.17 13.29
CA ARG A 151 -8.73 20.43 13.58
C ARG A 151 -8.31 19.41 12.53
N ILE A 152 -9.28 18.88 11.80
CA ILE A 152 -9.02 17.86 10.79
C ILE A 152 -9.44 18.27 9.40
N ARG A 153 -8.60 17.96 8.42
CA ARG A 153 -8.91 18.24 7.02
C ARG A 153 -8.99 16.89 6.32
N SER A 154 -10.02 16.74 5.48
CA SER A 154 -10.22 15.49 4.75
C SER A 154 -9.30 15.46 3.52
N LYS A 155 -9.27 16.57 2.79
CA LYS A 155 -8.45 16.70 1.59
C LYS A 155 -7.75 18.05 1.56
N SER A 156 -6.70 18.16 0.74
CA SER A 156 -5.94 19.40 0.60
C SER A 156 -6.02 19.93 -0.81
N SER A 157 -6.74 19.22 -1.67
CA SER A 157 -6.92 19.60 -3.07
C SER A 157 -8.22 20.36 -3.25
N VAL A 165 -16.62 24.37 6.08
CA VAL A 165 -18.10 24.24 6.12
C VAL A 165 -18.58 23.13 5.22
N GLU A 166 -17.68 22.57 4.41
CA GLU A 166 -18.05 21.47 3.54
C GLU A 166 -17.03 20.34 3.57
N ASP A 167 -15.82 20.63 4.02
CA ASP A 167 -14.79 19.58 4.09
C ASP A 167 -15.25 18.52 5.08
N SER A 168 -15.95 18.96 6.13
CA SER A 168 -16.45 18.06 7.14
C SER A 168 -17.49 17.08 6.59
N ALA A 169 -18.02 17.39 5.41
CA ALA A 169 -19.00 16.51 4.79
C ALA A 169 -18.36 15.17 4.42
N ASP A 170 -17.03 15.16 4.40
CA ASP A 170 -16.30 13.95 4.07
C ASP A 170 -15.95 13.11 5.30
N PHE A 171 -16.13 13.67 6.49
CA PHE A 171 -15.77 12.96 7.71
C PHE A 171 -16.39 11.57 7.84
N VAL A 172 -17.68 11.47 7.53
CA VAL A 172 -18.36 10.19 7.68
C VAL A 172 -17.76 9.07 6.84
N SER A 173 -17.02 9.42 5.81
CA SER A 173 -16.41 8.39 4.95
C SER A 173 -15.20 7.71 5.59
N PHE A 174 -14.51 8.37 6.53
CA PHE A 174 -13.34 7.76 7.15
C PHE A 174 -13.29 7.77 8.68
N PHE A 175 -14.24 8.43 9.32
CA PHE A 175 -14.29 8.49 10.77
C PHE A 175 -14.60 7.12 11.36
N PRO A 176 -14.17 6.89 12.60
CA PRO A 176 -14.37 5.62 13.32
C PRO A 176 -15.82 5.50 13.79
N ASP A 177 -16.23 4.29 14.18
CA ASP A 177 -17.58 4.15 14.71
C ASP A 177 -17.51 4.80 16.09
N PHE A 178 -18.62 5.36 16.52
CA PHE A 178 -18.71 6.08 17.80
C PHE A 178 -19.41 5.28 18.89
N VAL A 179 -18.81 5.21 20.07
CA VAL A 179 -19.44 4.51 21.20
C VAL A 179 -19.42 5.44 22.40
N TRP A 180 -20.59 5.68 22.98
CA TRP A 180 -20.66 6.54 24.15
C TRP A 180 -20.84 5.66 25.37
N THR A 181 -19.88 5.71 26.28
CA THR A 181 -19.99 4.92 27.51
C THR A 181 -20.35 5.87 28.64
N LEU A 182 -21.49 5.62 29.27
CA LEU A 182 -21.98 6.46 30.35
C LEU A 182 -21.76 5.78 31.69
N ARG A 183 -20.88 6.34 32.51
CA ARG A 183 -20.53 5.77 33.80
C ARG A 183 -21.38 6.26 34.96
N ASP A 184 -21.49 5.43 36.01
CA ASP A 184 -22.30 5.76 37.19
C ASP A 184 -23.69 6.23 36.74
N PHE A 185 -24.21 5.59 35.70
CA PHE A 185 -25.52 5.96 35.13
C PHE A 185 -26.60 5.97 36.21
N SER A 186 -27.39 7.04 36.24
CA SER A 186 -28.41 7.20 37.26
C SER A 186 -29.89 7.08 36.84
N LEU A 187 -30.15 6.83 35.57
CA LEU A 187 -31.52 6.74 35.09
C LEU A 187 -32.01 5.31 34.93
N ASP A 188 -33.30 5.11 35.18
CA ASP A 188 -33.88 3.78 35.04
C ASP A 188 -34.36 3.55 33.61
N LEU A 189 -34.40 4.62 32.83
CA LEU A 189 -34.83 4.57 31.42
C LEU A 189 -36.27 4.07 31.25
N GLU A 190 -37.04 4.13 32.34
CA GLU A 190 -38.43 3.68 32.29
C GLU A 190 -39.23 4.46 31.24
N ALA A 191 -40.17 3.78 30.60
CA ALA A 191 -41.00 4.40 29.58
C ALA A 191 -42.29 3.59 29.44
N ASP A 192 -43.32 4.22 28.89
CA ASP A 192 -44.60 3.56 28.68
C ASP A 192 -44.39 2.23 27.98
N GLY A 193 -45.01 1.17 28.49
CA GLY A 193 -44.88 -0.14 27.87
C GLY A 193 -43.67 -0.88 28.39
N GLN A 194 -42.48 -0.43 27.99
CA GLN A 194 -41.24 -1.04 28.43
C GLN A 194 -40.13 0.02 28.38
N PRO A 195 -39.05 -0.20 29.15
CA PRO A 195 -37.94 0.76 29.19
C PRO A 195 -37.15 0.92 27.89
N LEU A 196 -36.50 2.07 27.76
CA LEU A 196 -35.68 2.35 26.60
C LEU A 196 -34.38 1.57 26.75
N THR A 197 -33.80 1.14 25.64
CA THR A 197 -32.52 0.45 25.67
C THR A 197 -31.50 1.59 25.64
N PRO A 198 -30.24 1.32 26.01
CA PRO A 198 -29.27 2.42 25.96
C PRO A 198 -29.13 3.03 24.58
N ASP A 199 -29.27 2.22 23.53
CA ASP A 199 -29.16 2.76 22.17
C ASP A 199 -30.32 3.68 21.85
N GLU A 200 -31.52 3.34 22.34
CA GLU A 200 -32.68 4.18 22.10
C GLU A 200 -32.51 5.46 22.92
N TYR A 201 -31.87 5.33 24.09
CA TYR A 201 -31.63 6.49 24.95
C TYR A 201 -30.68 7.44 24.24
N LEU A 202 -29.69 6.90 23.53
CA LEU A 202 -28.76 7.76 22.80
C LEU A 202 -29.52 8.48 21.69
N THR A 203 -30.39 7.77 20.98
CA THR A 203 -31.17 8.38 19.91
C THR A 203 -32.04 9.50 20.49
N TYR A 204 -32.68 9.22 21.62
CA TYR A 204 -33.53 10.20 22.30
C TYR A 204 -32.72 11.44 22.67
N SER A 205 -31.51 11.21 23.17
CA SER A 205 -30.61 12.27 23.61
C SER A 205 -30.04 13.14 22.49
N LEU A 206 -29.94 12.58 21.29
CA LEU A 206 -29.40 13.35 20.17
C LEU A 206 -30.49 13.97 19.30
N LYS A 207 -31.75 13.88 19.74
CA LYS A 207 -32.82 14.49 18.96
C LYS A 207 -32.64 16.00 18.99
N LEU A 208 -33.01 16.66 17.90
CA LEU A 208 -32.84 18.11 17.82
C LEU A 208 -34.00 18.91 18.39
N LYS A 209 -33.76 20.21 18.57
CA LYS A 209 -34.78 21.12 19.10
C LYS A 209 -35.11 22.14 18.02
N LYS A 210 -36.40 22.39 17.81
CA LYS A 210 -36.82 23.36 16.80
C LYS A 210 -36.50 24.78 17.26
N GLY A 211 -36.22 25.66 16.29
CA GLY A 211 -35.90 27.03 16.63
C GLY A 211 -34.61 27.51 15.98
N THR A 212 -34.49 28.82 15.80
CA THR A 212 -33.30 29.40 15.18
C THR A 212 -32.53 30.33 16.11
N SER A 213 -32.90 30.32 17.40
CA SER A 213 -32.23 31.16 18.38
C SER A 213 -30.81 30.64 18.61
N GLN A 214 -29.96 31.50 19.18
CA GLN A 214 -28.58 31.14 19.46
C GLN A 214 -28.57 29.93 20.40
N LYS A 215 -29.53 29.88 21.32
CA LYS A 215 -29.64 28.78 22.27
C LYS A 215 -29.98 27.50 21.53
N ASP A 216 -30.90 27.60 20.57
CA ASP A 216 -31.33 26.45 19.78
C ASP A 216 -30.17 25.89 18.94
N GLU A 217 -29.41 26.80 18.33
CA GLU A 217 -28.29 26.40 17.48
C GLU A 217 -27.19 25.72 18.30
N THR A 218 -26.98 26.21 19.51
CA THR A 218 -25.98 25.66 20.41
C THR A 218 -26.38 24.27 20.87
N PHE A 219 -27.69 24.08 21.09
CA PHE A 219 -28.21 22.79 21.54
C PHE A 219 -28.05 21.74 20.43
N ASN A 220 -28.38 22.14 19.21
CA ASN A 220 -28.32 21.24 18.06
C ASN A 220 -26.95 20.93 17.49
N LEU A 221 -26.04 21.91 17.52
CA LEU A 221 -24.72 21.72 16.93
C LEU A 221 -23.95 20.45 17.27
N PRO A 222 -23.68 20.19 18.57
CA PRO A 222 -22.94 18.97 18.88
C PRO A 222 -23.70 17.70 18.53
N ARG A 223 -25.02 17.74 18.64
CA ARG A 223 -25.84 16.57 18.31
C ARG A 223 -25.72 16.33 16.80
N LEU A 224 -25.83 17.39 16.01
CA LEU A 224 -25.69 17.24 14.57
C LEU A 224 -24.31 16.72 14.19
N CYS A 225 -23.27 17.19 14.87
CA CYS A 225 -21.91 16.73 14.57
C CYS A 225 -21.75 15.23 14.84
N ILE A 226 -22.26 14.76 15.97
CA ILE A 226 -22.16 13.34 16.26
C ILE A 226 -22.93 12.51 15.24
N ARG A 227 -24.13 12.97 14.90
CA ARG A 227 -24.98 12.27 13.96
C ARG A 227 -24.46 12.25 12.53
N LYS A 228 -23.79 13.33 12.14
CA LYS A 228 -23.29 13.45 10.77
C LYS A 228 -21.84 13.05 10.51
N PHE A 229 -20.97 13.18 11.52
CA PHE A 229 -19.55 12.86 11.34
C PHE A 229 -19.18 11.41 11.48
N PHE A 230 -19.86 10.69 12.38
CA PHE A 230 -19.56 9.28 12.61
C PHE A 230 -20.53 8.36 11.87
N PRO A 231 -20.00 7.32 11.22
CA PRO A 231 -20.84 6.39 10.46
C PRO A 231 -21.81 5.52 11.26
N LYS A 232 -21.43 5.20 12.48
CA LYS A 232 -22.27 4.34 13.32
C LYS A 232 -22.15 4.83 14.76
N LYS A 233 -23.23 4.73 15.52
CA LYS A 233 -23.22 5.14 16.92
C LYS A 233 -23.77 4.03 17.79
N LYS A 234 -23.21 3.90 18.98
CA LYS A 234 -23.61 2.87 19.94
C LYS A 234 -23.51 3.46 21.34
N CYS A 235 -24.35 2.96 22.26
CA CYS A 235 -24.31 3.46 23.62
C CYS A 235 -24.32 2.32 24.62
N PHE A 236 -23.54 2.49 25.69
CA PHE A 236 -23.49 1.53 26.78
C PHE A 236 -23.55 2.29 28.09
N VAL A 237 -24.39 1.82 29.01
CA VAL A 237 -24.49 2.45 30.31
C VAL A 237 -23.85 1.52 31.33
N PHE A 238 -23.29 2.12 32.37
CA PHE A 238 -22.62 1.36 33.42
C PHE A 238 -23.06 1.89 34.78
N ASP A 239 -23.47 0.98 35.66
CA ASP A 239 -23.88 1.37 37.00
C ASP A 239 -22.63 1.69 37.82
N ARG A 240 -22.82 2.30 38.98
CA ARG A 240 -21.70 2.57 39.89
C ARG A 240 -21.13 1.18 40.16
N PRO A 241 -19.80 1.01 40.02
CA PRO A 241 -19.17 -0.30 40.26
C PRO A 241 -19.30 -0.82 41.68
N VAL A 242 -19.05 0.05 42.64
CA VAL A 242 -19.10 -0.29 44.06
C VAL A 242 -19.51 0.92 44.89
N HIS A 243 -19.62 0.72 46.19
CA HIS A 243 -19.97 1.79 47.12
C HIS A 243 -18.86 2.85 47.03
N ARG A 244 -19.21 4.12 47.26
CA ARG A 244 -18.22 5.20 47.15
C ARG A 244 -16.93 4.95 47.93
N ARG A 245 -17.04 4.32 49.08
CA ARG A 245 -15.84 4.09 49.88
C ARG A 245 -14.87 3.06 49.30
N LYS A 246 -15.28 2.35 48.26
CA LYS A 246 -14.43 1.34 47.64
C LYS A 246 -14.03 1.66 46.20
N LEU A 247 -14.53 2.76 45.65
CA LEU A 247 -14.21 3.14 44.29
C LEU A 247 -12.71 3.21 44.01
N ALA A 248 -11.95 3.73 44.97
CA ALA A 248 -10.51 3.88 44.81
C ALA A 248 -9.72 2.56 44.85
N GLN A 249 -10.39 1.48 45.25
CA GLN A 249 -9.73 0.17 45.33
C GLN A 249 -10.23 -0.76 44.23
N LEU A 250 -11.10 -0.24 43.38
CA LEU A 250 -11.70 -1.01 42.30
C LEU A 250 -10.74 -1.96 41.57
N GLU A 251 -9.58 -1.45 41.19
CA GLU A 251 -8.59 -2.23 40.47
C GLU A 251 -8.16 -3.52 41.19
N LYS A 252 -8.16 -3.48 42.52
CA LYS A 252 -7.75 -4.64 43.31
C LYS A 252 -8.91 -5.55 43.71
N LEU A 253 -10.13 -5.14 43.40
CA LEU A 253 -11.31 -5.94 43.75
C LEU A 253 -11.66 -7.01 42.72
N GLN A 254 -12.19 -8.13 43.20
CA GLN A 254 -12.59 -9.24 42.34
C GLN A 254 -14.01 -8.95 41.84
N ASP A 255 -14.38 -9.51 40.70
CA ASP A 255 -15.71 -9.30 40.15
C ASP A 255 -16.82 -9.53 41.16
N GLU A 256 -16.65 -10.52 42.03
CA GLU A 256 -17.68 -10.81 43.03
C GLU A 256 -17.92 -9.67 44.02
N GLU A 257 -16.94 -8.77 44.14
CA GLU A 257 -17.04 -7.64 45.04
C GLU A 257 -17.67 -6.41 44.37
N LEU A 258 -17.96 -6.53 43.08
CA LEU A 258 -18.56 -5.43 42.33
C LEU A 258 -20.04 -5.68 42.06
N ASP A 259 -20.75 -4.63 41.65
CA ASP A 259 -22.16 -4.77 41.32
C ASP A 259 -22.24 -5.73 40.14
N PRO A 260 -23.03 -6.81 40.28
CA PRO A 260 -23.16 -7.80 39.21
C PRO A 260 -23.58 -7.19 37.87
N GLU A 261 -24.45 -6.19 37.91
CA GLU A 261 -24.91 -5.58 36.67
C GLU A 261 -23.75 -4.83 36.01
N PHE A 262 -22.90 -4.19 36.80
CA PHE A 262 -21.75 -3.47 36.23
C PHE A 262 -20.82 -4.47 35.57
N VAL A 263 -20.59 -5.59 36.25
CA VAL A 263 -19.72 -6.61 35.68
C VAL A 263 -20.24 -7.09 34.32
N GLN A 264 -21.55 -7.28 34.23
CA GLN A 264 -22.16 -7.73 32.98
C GLN A 264 -22.15 -6.63 31.92
N GLN A 265 -22.30 -5.39 32.35
CA GLN A 265 -22.29 -4.27 31.40
C GLN A 265 -20.91 -4.14 30.77
N VAL A 266 -19.87 -4.34 31.57
CA VAL A 266 -18.50 -4.27 31.07
C VAL A 266 -18.31 -5.45 30.11
N ALA A 267 -18.80 -6.62 30.50
CA ALA A 267 -18.67 -7.79 29.63
C ALA A 267 -19.35 -7.57 28.29
N ASP A 268 -20.52 -6.94 28.29
CA ASP A 268 -21.26 -6.71 27.05
C ASP A 268 -20.55 -5.67 26.18
N PHE A 269 -19.95 -4.67 26.82
CA PHE A 269 -19.21 -3.65 26.07
C PHE A 269 -18.02 -4.31 25.37
N CYS A 270 -17.24 -5.09 26.13
CA CYS A 270 -16.08 -5.76 25.55
C CYS A 270 -16.49 -6.69 24.41
N SER A 271 -17.54 -7.47 24.62
CA SER A 271 -18.02 -8.38 23.57
C SER A 271 -18.40 -7.62 22.31
N TYR A 272 -19.03 -6.46 22.48
CA TYR A 272 -19.41 -5.66 21.33
C TYR A 272 -18.16 -5.21 20.57
N ILE A 273 -17.19 -4.68 21.30
CA ILE A 273 -15.95 -4.23 20.67
C ILE A 273 -15.27 -5.37 19.92
N PHE A 274 -15.13 -6.51 20.59
CA PHE A 274 -14.46 -7.68 19.99
C PHE A 274 -15.18 -8.22 18.75
N SER A 275 -16.49 -8.06 18.69
CA SER A 275 -17.26 -8.56 17.55
C SER A 275 -17.59 -7.55 16.46
N ASN A 276 -17.63 -6.27 16.82
CA ASN A 276 -18.00 -5.25 15.84
C ASN A 276 -16.92 -4.28 15.36
N SER A 277 -15.89 -4.06 16.16
CA SER A 277 -14.84 -3.13 15.74
C SER A 277 -14.13 -3.69 14.53
N LYS A 278 -14.02 -2.87 13.49
CA LYS A 278 -13.40 -3.27 12.25
C LYS A 278 -11.92 -2.94 12.14
N THR A 279 -11.24 -3.65 11.25
CA THR A 279 -9.83 -3.41 11.02
C THR A 279 -9.74 -1.97 10.53
N LYS A 280 -8.74 -1.23 11.03
CA LYS A 280 -8.54 0.15 10.62
C LYS A 280 -8.23 0.15 9.13
N THR A 281 -8.93 1.00 8.39
CA THR A 281 -8.75 1.07 6.94
C THR A 281 -8.58 2.50 6.43
N LEU A 282 -7.82 2.64 5.35
CA LEU A 282 -7.59 3.93 4.72
C LEU A 282 -8.23 3.88 3.35
N SER A 283 -8.42 5.04 2.74
CA SER A 283 -9.02 5.13 1.42
C SER A 283 -8.42 4.09 0.48
N GLY A 284 -9.27 3.34 -0.20
CA GLY A 284 -8.80 2.33 -1.12
C GLY A 284 -8.82 0.93 -0.56
N GLY A 285 -9.37 0.78 0.65
CA GLY A 285 -9.45 -0.53 1.27
C GLY A 285 -8.15 -0.98 1.90
N ILE A 286 -7.20 -0.06 1.99
CA ILE A 286 -5.90 -0.34 2.59
C ILE A 286 -6.07 -0.66 4.07
N GLN A 287 -5.62 -1.85 4.47
CA GLN A 287 -5.74 -2.24 5.87
C GLN A 287 -4.50 -1.81 6.63
N VAL A 288 -4.73 -1.11 7.73
CA VAL A 288 -3.63 -0.62 8.54
C VAL A 288 -3.01 -1.67 9.45
N ASN A 289 -1.67 -1.80 9.34
CA ASN A 289 -0.91 -2.70 10.18
C ASN A 289 0.11 -1.82 10.88
N GLY A 290 1.03 -2.42 11.63
CA GLY A 290 2.01 -1.64 12.36
C GLY A 290 2.76 -0.56 11.59
N PRO A 291 3.46 -0.91 10.51
CA PRO A 291 4.20 0.08 9.71
C PRO A 291 3.32 1.19 9.17
N ARG A 292 2.08 0.84 8.82
CA ARG A 292 1.15 1.83 8.30
C ARG A 292 0.67 2.79 9.38
N LEU A 293 0.39 2.26 10.57
CA LEU A 293 -0.05 3.10 11.68
C LEU A 293 1.11 4.02 12.06
N GLU A 294 2.32 3.49 12.04
CA GLU A 294 3.51 4.28 12.37
C GLU A 294 3.59 5.50 11.45
N SER A 295 3.32 5.28 10.17
CA SER A 295 3.34 6.35 9.18
C SER A 295 2.29 7.41 9.48
N LEU A 296 1.08 6.96 9.80
CA LEU A 296 0.00 7.89 10.12
C LEU A 296 0.36 8.75 11.32
N VAL A 297 0.87 8.11 12.37
CA VAL A 297 1.26 8.83 13.58
C VAL A 297 2.28 9.91 13.27
N LEU A 298 3.33 9.54 12.55
CA LEU A 298 4.38 10.49 12.19
C LEU A 298 3.84 11.67 11.38
N THR A 299 3.05 11.37 10.36
CA THR A 299 2.49 12.42 9.51
C THR A 299 1.59 13.41 10.26
N TYR A 300 0.64 12.88 11.03
CA TYR A 300 -0.29 13.71 11.79
C TYR A 300 0.38 14.53 12.90
N VAL A 301 1.29 13.90 13.64
CA VAL A 301 1.98 14.60 14.72
C VAL A 301 2.92 15.64 14.14
N ASN A 302 3.55 15.32 13.01
CA ASN A 302 4.46 16.27 12.37
C ASN A 302 3.66 17.48 11.90
N ALA A 303 2.45 17.23 11.42
CA ALA A 303 1.59 18.30 10.93
C ALA A 303 1.24 19.24 12.08
N ILE A 304 0.81 18.66 13.21
CA ILE A 304 0.46 19.47 14.37
C ILE A 304 1.67 20.26 14.87
N SER A 305 2.83 19.62 14.88
CA SER A 305 4.08 20.25 15.32
C SER A 305 4.52 21.37 14.39
N SER A 306 4.08 21.28 13.13
CA SER A 306 4.44 22.27 12.12
C SER A 306 3.48 23.46 12.17
N GLY A 307 2.39 23.31 12.92
CA GLY A 307 1.41 24.38 13.02
C GLY A 307 0.39 24.25 11.90
N ASP A 308 0.34 23.07 11.29
CA ASP A 308 -0.60 22.80 10.21
C ASP A 308 -1.69 21.84 10.71
N LEU A 309 -2.72 21.64 9.90
CA LEU A 309 -3.80 20.75 10.28
C LEU A 309 -3.56 19.35 9.74
N PRO A 310 -3.77 18.32 10.57
CA PRO A 310 -3.57 16.96 10.09
C PRO A 310 -4.58 16.73 8.98
N CYS A 311 -4.12 16.14 7.88
CA CYS A 311 -4.98 15.89 6.72
C CYS A 311 -4.95 14.44 6.31
N MET A 312 -6.11 13.81 6.28
CA MET A 312 -6.22 12.40 5.92
C MET A 312 -5.64 12.11 4.54
N GLU A 313 -6.02 12.91 3.54
CA GLU A 313 -5.52 12.72 2.19
C GLU A 313 -3.99 12.73 2.16
N ASN A 314 -3.41 13.76 2.77
CA ASN A 314 -1.95 13.90 2.82
C ASN A 314 -1.29 12.69 3.47
N ALA A 315 -1.92 12.14 4.51
CA ALA A 315 -1.35 10.99 5.22
C ALA A 315 -1.33 9.76 4.32
N VAL A 316 -2.40 9.55 3.55
CA VAL A 316 -2.47 8.40 2.66
C VAL A 316 -1.39 8.54 1.59
N LEU A 317 -1.26 9.75 1.05
CA LEU A 317 -0.25 10.01 0.02
C LEU A 317 1.15 9.83 0.58
N ALA A 318 1.36 10.27 1.82
CA ALA A 318 2.66 10.13 2.45
C ALA A 318 2.99 8.65 2.57
N LEU A 319 1.97 7.86 2.91
CA LEU A 319 2.15 6.42 3.05
C LEU A 319 2.44 5.84 1.66
N ALA A 320 1.75 6.35 0.65
CA ALA A 320 1.94 5.86 -0.72
C ALA A 320 3.38 6.04 -1.18
N GLN A 321 3.95 7.21 -0.87
CA GLN A 321 5.33 7.51 -1.24
C GLN A 321 6.27 6.43 -0.75
N ILE A 322 6.09 6.03 0.50
CA ILE A 322 6.92 5.00 1.11
C ILE A 322 6.73 3.62 0.50
N GLU A 323 5.49 3.17 0.43
CA GLU A 323 5.20 1.86 -0.11
C GLU A 323 5.42 1.72 -1.61
N ASN A 324 5.19 2.79 -2.36
CA ASN A 324 5.40 2.74 -3.81
C ASN A 324 6.89 2.66 -4.13
N SER A 325 7.70 3.37 -3.34
CA SER A 325 9.15 3.34 -3.55
C SER A 325 9.64 1.93 -3.27
N ALA A 326 9.14 1.32 -2.21
CA ALA A 326 9.50 -0.04 -1.84
C ALA A 326 8.98 -1.02 -2.89
N ALA A 327 7.82 -0.71 -3.48
CA ALA A 327 7.21 -1.55 -4.50
C ALA A 327 8.07 -1.60 -5.76
N VAL A 328 8.67 -0.48 -6.13
CA VAL A 328 9.52 -0.44 -7.30
C VAL A 328 10.75 -1.31 -7.04
N GLN A 329 11.32 -1.17 -5.86
CA GLN A 329 12.50 -1.95 -5.51
C GLN A 329 12.20 -3.44 -5.46
N LYS A 330 11.02 -3.79 -4.95
CA LYS A 330 10.62 -5.18 -4.85
C LYS A 330 10.39 -5.77 -6.25
N ALA A 331 9.82 -4.97 -7.15
CA ALA A 331 9.56 -5.42 -8.51
C ALA A 331 10.86 -5.63 -9.27
N ILE A 332 11.81 -4.70 -9.12
CA ILE A 332 13.10 -4.81 -9.79
C ILE A 332 13.83 -6.04 -9.26
N ALA A 333 13.72 -6.29 -7.97
CA ALA A 333 14.37 -7.44 -7.35
C ALA A 333 13.78 -8.72 -7.95
N HIS A 334 12.47 -8.73 -8.15
CA HIS A 334 11.80 -9.90 -8.70
C HIS A 334 12.25 -10.16 -10.14
N TYR A 335 12.37 -9.08 -10.92
CA TYR A 335 12.82 -9.20 -12.31
C TYR A 335 14.22 -9.82 -12.35
N GLU A 336 15.15 -9.23 -11.59
CA GLU A 336 16.52 -9.71 -11.54
C GLU A 336 16.60 -11.17 -11.15
N GLN A 337 15.79 -11.55 -10.16
CA GLN A 337 15.78 -12.92 -9.68
C GLN A 337 15.32 -13.89 -10.77
N GLN A 338 14.19 -13.58 -11.40
CA GLN A 338 13.66 -14.46 -12.44
C GLN A 338 14.58 -14.57 -13.64
N MET A 339 15.14 -13.45 -14.08
CA MET A 339 16.04 -13.50 -15.23
C MET A 339 17.28 -14.30 -14.89
N GLY A 340 17.81 -14.10 -13.69
CA GLY A 340 19.00 -14.81 -13.27
C GLY A 340 18.83 -16.31 -13.16
N GLN A 341 17.66 -16.74 -12.71
CA GLN A 341 17.39 -18.15 -12.55
C GLN A 341 17.09 -18.88 -13.86
N LYS A 342 16.71 -18.13 -14.89
CA LYS A 342 16.35 -18.75 -16.17
C LYS A 342 17.27 -18.53 -17.36
N VAL A 343 18.02 -17.43 -17.37
CA VAL A 343 18.90 -17.14 -18.50
C VAL A 343 20.15 -18.01 -18.59
N GLN A 344 20.49 -18.41 -19.81
CA GLN A 344 21.69 -19.19 -20.09
C GLN A 344 22.35 -18.46 -21.25
N LEU A 345 23.50 -17.85 -20.99
CA LEU A 345 24.21 -17.09 -22.02
C LEU A 345 25.39 -17.82 -22.64
N PRO A 346 25.55 -17.68 -23.98
CA PRO A 346 24.68 -16.88 -24.84
C PRO A 346 23.37 -17.60 -25.14
N THR A 347 22.30 -16.85 -25.40
CA THR A 347 21.02 -17.50 -25.71
C THR A 347 21.06 -18.04 -27.13
N GLU A 348 20.25 -19.06 -27.40
CA GLU A 348 20.20 -19.67 -28.73
C GLU A 348 19.85 -18.60 -29.76
N SER A 349 18.93 -17.72 -29.39
CA SER A 349 18.48 -16.66 -30.29
C SER A 349 18.09 -15.43 -29.49
N LEU A 350 17.89 -14.30 -30.18
CA LEU A 350 17.49 -13.09 -29.48
C LEU A 350 16.06 -13.28 -28.97
N GLN A 351 15.24 -13.98 -29.75
CA GLN A 351 13.86 -14.24 -29.37
C GLN A 351 13.83 -14.93 -28.01
N GLU A 352 14.76 -15.86 -27.80
CA GLU A 352 14.82 -16.57 -26.52
C GLU A 352 15.00 -15.58 -25.37
N LEU A 353 15.98 -14.69 -25.50
CA LEU A 353 16.25 -13.72 -24.45
C LEU A 353 15.09 -12.75 -24.26
N LEU A 354 14.52 -12.27 -25.36
CA LEU A 354 13.42 -11.33 -25.25
C LEU A 354 12.18 -11.98 -24.66
N ASP A 355 11.95 -13.26 -24.97
CA ASP A 355 10.79 -13.94 -24.42
C ASP A 355 10.93 -14.03 -22.91
N LEU A 356 12.14 -14.31 -22.44
CA LEU A 356 12.40 -14.43 -20.99
C LEU A 356 12.25 -13.06 -20.34
N HIS A 357 12.73 -12.03 -21.03
CA HIS A 357 12.64 -10.67 -20.52
C HIS A 357 11.18 -10.28 -20.37
N ARG A 358 10.41 -10.54 -21.42
CA ARG A 358 8.99 -10.21 -21.44
C ARG A 358 8.25 -10.88 -20.29
N ASP A 359 8.53 -12.16 -20.06
CA ASP A 359 7.90 -12.91 -18.98
C ASP A 359 8.29 -12.38 -17.60
N SER A 360 9.57 -12.07 -17.44
CA SER A 360 10.08 -11.56 -16.16
C SER A 360 9.53 -10.17 -15.90
N GLU A 361 9.47 -9.35 -16.95
CA GLU A 361 8.96 -8.00 -16.85
C GLU A 361 7.49 -8.01 -16.48
N ARG A 362 6.72 -8.93 -17.07
CA ARG A 362 5.29 -9.02 -16.75
C ARG A 362 5.10 -9.35 -15.28
N GLU A 363 5.89 -10.28 -14.77
CA GLU A 363 5.79 -10.66 -13.36
C GLU A 363 6.23 -9.50 -12.46
N ALA A 364 7.25 -8.76 -12.88
CA ALA A 364 7.74 -7.63 -12.09
C ALA A 364 6.69 -6.53 -12.00
N ILE A 365 6.06 -6.23 -13.13
CA ILE A 365 5.04 -5.19 -13.15
C ILE A 365 3.86 -5.61 -12.24
N GLU A 366 3.57 -6.91 -12.22
CA GLU A 366 2.47 -7.41 -11.39
C GLU A 366 2.80 -7.24 -9.91
N VAL A 367 4.07 -7.44 -9.57
CA VAL A 367 4.53 -7.28 -8.20
C VAL A 367 4.34 -5.82 -7.79
N PHE A 368 4.71 -4.92 -8.70
CA PHE A 368 4.57 -3.49 -8.44
C PHE A 368 3.11 -3.07 -8.30
N ILE A 369 2.28 -3.52 -9.23
CA ILE A 369 0.86 -3.19 -9.21
C ILE A 369 0.15 -3.62 -7.94
N ARG A 370 0.43 -4.83 -7.48
CA ARG A 370 -0.23 -5.32 -6.27
C ARG A 370 0.31 -4.72 -4.97
N SER A 371 1.51 -4.14 -5.03
CA SER A 371 2.14 -3.56 -3.86
C SER A 371 2.05 -2.04 -3.81
N SER A 372 1.45 -1.43 -4.82
CA SER A 372 1.36 0.02 -4.86
C SER A 372 -0.08 0.55 -4.83
N PHE A 373 -0.18 1.86 -4.62
CA PHE A 373 -1.47 2.55 -4.58
C PHE A 373 -1.24 4.04 -4.65
N LYS A 374 -2.24 4.76 -5.17
CA LYS A 374 -2.18 6.20 -5.30
C LYS A 374 -0.90 6.66 -6.02
N ASP A 375 -0.54 5.98 -7.10
CA ASP A 375 0.65 6.36 -7.86
C ASP A 375 0.28 7.48 -8.82
N VAL A 376 0.05 8.66 -8.25
CA VAL A 376 -0.33 9.85 -9.02
C VAL A 376 0.60 10.06 -10.20
N ASP A 377 0.01 10.31 -11.38
CA ASP A 377 0.77 10.55 -12.60
C ASP A 377 1.63 9.35 -13.01
N HIS A 378 1.38 8.20 -12.39
CA HIS A 378 2.11 6.98 -12.69
C HIS A 378 3.62 7.20 -12.66
N LEU A 379 4.07 8.13 -11.82
CA LEU A 379 5.50 8.44 -11.72
C LEU A 379 6.34 7.26 -11.26
N PHE A 380 5.82 6.48 -10.31
CA PHE A 380 6.58 5.34 -9.81
C PHE A 380 6.64 4.23 -10.85
N GLN A 381 5.54 4.00 -11.56
CA GLN A 381 5.55 2.95 -12.57
C GLN A 381 6.49 3.37 -13.71
N LYS A 382 6.56 4.67 -13.97
CA LYS A 382 7.43 5.16 -15.02
C LYS A 382 8.88 4.92 -14.62
N GLU A 383 9.18 5.11 -13.33
CA GLU A 383 10.52 4.88 -12.83
C GLU A 383 10.86 3.39 -12.97
N LEU A 384 9.89 2.53 -12.64
CA LEU A 384 10.09 1.09 -12.76
C LEU A 384 10.40 0.75 -14.22
N ALA A 385 9.61 1.31 -15.13
CA ALA A 385 9.79 1.07 -16.55
C ALA A 385 11.19 1.45 -16.98
N ALA A 386 11.68 2.60 -16.51
CA ALA A 386 13.02 3.05 -16.86
C ALA A 386 14.07 2.08 -16.36
N GLN A 387 13.91 1.60 -15.13
CA GLN A 387 14.87 0.66 -14.55
C GLN A 387 14.88 -0.69 -15.26
N LEU A 388 13.70 -1.18 -15.63
CA LEU A 388 13.62 -2.47 -16.33
C LEU A 388 14.30 -2.37 -17.70
N GLU A 389 14.13 -1.23 -18.36
CA GLU A 389 14.72 -1.01 -19.67
C GLU A 389 16.24 -1.06 -19.57
N LYS A 390 16.80 -0.46 -18.52
CA LYS A 390 18.23 -0.45 -18.32
C LYS A 390 18.71 -1.88 -18.04
N LYS A 391 17.92 -2.62 -17.27
CA LYS A 391 18.24 -4.00 -16.95
C LYS A 391 18.23 -4.84 -18.21
N ARG A 392 17.26 -4.57 -19.08
CA ARG A 392 17.14 -5.29 -20.34
C ARG A 392 18.37 -5.02 -21.20
N ASP A 393 18.76 -3.76 -21.29
CA ASP A 393 19.93 -3.39 -22.08
C ASP A 393 21.17 -4.13 -21.59
N ASP A 394 21.32 -4.20 -20.27
CA ASP A 394 22.48 -4.90 -19.70
C ASP A 394 22.51 -6.37 -20.08
N PHE A 395 21.36 -7.04 -20.01
CA PHE A 395 21.32 -8.45 -20.38
C PHE A 395 21.64 -8.62 -21.85
N CYS A 396 21.12 -7.71 -22.69
CA CYS A 396 21.37 -7.79 -24.11
C CYS A 396 22.86 -7.63 -24.41
N LYS A 397 23.51 -6.69 -23.73
CA LYS A 397 24.93 -6.47 -23.92
C LYS A 397 25.72 -7.70 -23.50
N GLN A 398 25.35 -8.28 -22.36
CA GLN A 398 26.03 -9.47 -21.87
C GLN A 398 25.86 -10.62 -22.86
N ASN A 399 24.65 -10.72 -23.42
CA ASN A 399 24.34 -11.76 -24.38
C ASN A 399 25.16 -11.62 -25.66
N GLN A 400 25.21 -10.41 -26.21
CA GLN A 400 25.97 -10.20 -27.45
C GLN A 400 27.45 -10.50 -27.20
N GLU A 401 27.96 -10.09 -26.05
CA GLU A 401 29.36 -10.30 -25.68
C GLU A 401 29.67 -11.80 -25.56
N ALA A 402 28.76 -12.52 -24.93
CA ALA A 402 28.92 -13.96 -24.74
C ALA A 402 28.89 -14.66 -26.09
N SER A 403 28.07 -14.16 -27.02
CA SER A 403 27.99 -14.76 -28.34
C SER A 403 29.27 -14.48 -29.12
N SER A 404 29.71 -13.22 -29.10
CA SER A 404 30.93 -12.84 -29.82
C SER A 404 32.09 -13.69 -29.34
N ASP A 405 32.19 -13.85 -28.03
CA ASP A 405 33.27 -14.65 -27.46
C ASP A 405 33.19 -16.09 -27.94
N ARG A 406 32.00 -16.68 -27.88
CA ARG A 406 31.84 -18.07 -28.30
C ARG A 406 32.14 -18.28 -29.78
N CYS A 407 31.57 -17.44 -30.64
CA CYS A 407 31.77 -17.58 -32.08
C CYS A 407 33.22 -17.32 -32.51
N SER A 408 33.84 -16.30 -31.94
CA SER A 408 35.23 -15.99 -32.28
C SER A 408 36.11 -17.14 -31.83
N GLY A 409 35.75 -17.74 -30.70
CA GLY A 409 36.50 -18.87 -30.19
C GLY A 409 36.36 -20.05 -31.15
N LEU A 410 35.14 -20.31 -31.60
CA LEU A 410 34.89 -21.41 -32.53
C LEU A 410 35.64 -21.19 -33.84
N LEU A 411 35.74 -19.92 -34.26
CA LEU A 411 36.44 -19.58 -35.49
C LEU A 411 37.90 -20.05 -35.36
N GLN A 412 38.51 -19.78 -34.21
CA GLN A 412 39.88 -20.17 -33.98
C GLN A 412 40.03 -21.69 -34.00
N VAL A 413 39.14 -22.37 -33.30
CA VAL A 413 39.16 -23.84 -33.21
C VAL A 413 38.89 -24.55 -34.53
N ILE A 414 37.91 -24.05 -35.28
CA ILE A 414 37.52 -24.67 -36.54
C ILE A 414 38.31 -24.26 -37.78
N PHE A 415 38.50 -22.96 -37.99
CA PHE A 415 39.19 -22.52 -39.19
C PHE A 415 40.68 -22.30 -39.14
N SER A 416 41.24 -22.04 -37.97
CA SER A 416 42.68 -21.82 -37.87
C SER A 416 43.48 -22.98 -38.47
N PRO A 417 43.08 -24.23 -38.16
CA PRO A 417 43.83 -25.35 -38.73
C PRO A 417 43.87 -25.30 -40.25
N LEU A 418 42.75 -24.91 -40.85
CA LEU A 418 42.67 -24.82 -42.31
C LEU A 418 43.60 -23.72 -42.84
N GLU A 419 43.53 -22.55 -42.22
CA GLU A 419 44.36 -21.42 -42.64
C GLU A 419 45.82 -21.84 -42.63
N GLU A 420 46.24 -22.51 -41.55
CA GLU A 420 47.62 -22.93 -41.45
C GLU A 420 47.98 -23.98 -42.48
N GLU A 421 47.05 -24.88 -42.79
CA GLU A 421 47.32 -25.89 -43.81
C GLU A 421 47.54 -25.20 -45.15
N VAL A 422 46.71 -24.21 -45.44
CA VAL A 422 46.82 -23.46 -46.68
C VAL A 422 48.16 -22.72 -46.75
N LYS A 423 48.56 -22.11 -45.65
CA LYS A 423 49.83 -21.38 -45.62
C LYS A 423 51.01 -22.33 -45.70
N ALA A 424 50.79 -23.59 -45.32
CA ALA A 424 51.83 -24.61 -45.37
C ALA A 424 51.92 -25.22 -46.76
N GLY A 425 50.98 -24.85 -47.63
CA GLY A 425 50.97 -25.36 -48.99
C GLY A 425 50.33 -26.72 -49.18
N ILE A 426 49.55 -27.19 -48.20
CA ILE A 426 48.90 -28.48 -48.30
C ILE A 426 47.94 -28.60 -49.49
N TYR A 427 47.38 -27.46 -49.92
CA TYR A 427 46.44 -27.46 -51.04
C TYR A 427 47.01 -26.83 -52.31
N SER A 428 48.33 -26.62 -52.35
CA SER A 428 48.94 -26.01 -53.51
C SER A 428 49.49 -27.03 -54.51
N LYS A 429 48.96 -28.24 -54.46
CA LYS A 429 49.37 -29.32 -55.36
C LYS A 429 48.25 -29.62 -56.35
N PRO A 430 48.53 -30.44 -57.37
CA PRO A 430 47.50 -30.78 -58.36
C PRO A 430 46.25 -31.38 -57.70
N GLY A 431 45.09 -30.82 -57.99
CA GLY A 431 43.85 -31.31 -57.43
C GLY A 431 43.55 -30.80 -56.03
N GLY A 432 44.35 -29.84 -55.58
CA GLY A 432 44.15 -29.30 -54.24
C GLY A 432 42.93 -28.42 -54.07
N TYR A 433 42.46 -27.79 -55.14
CA TYR A 433 41.29 -26.93 -55.03
C TYR A 433 40.05 -27.70 -54.61
N ARG A 434 39.81 -28.85 -55.22
CA ARG A 434 38.65 -29.66 -54.86
C ARG A 434 38.71 -30.08 -53.40
N LEU A 435 39.89 -30.48 -52.94
CA LEU A 435 40.06 -30.90 -51.56
C LEU A 435 39.85 -29.72 -50.62
N PHE A 436 40.34 -28.55 -51.02
CA PHE A 436 40.20 -27.34 -50.21
C PHE A 436 38.73 -26.95 -50.06
N VAL A 437 38.03 -26.80 -51.18
CA VAL A 437 36.63 -26.40 -51.13
C VAL A 437 35.80 -27.40 -50.34
N GLN A 438 36.10 -28.68 -50.46
CA GLN A 438 35.36 -29.70 -49.73
C GLN A 438 35.60 -29.53 -48.23
N LYS A 439 36.84 -29.30 -47.85
CA LYS A 439 37.20 -29.11 -46.44
C LYS A 439 36.52 -27.86 -45.89
N LEU A 440 36.57 -26.77 -46.65
CA LEU A 440 35.97 -25.51 -46.22
C LEU A 440 34.47 -25.66 -45.99
N GLN A 441 33.78 -26.35 -46.89
CA GLN A 441 32.35 -26.55 -46.75
C GLN A 441 32.07 -27.37 -45.50
N ASP A 442 32.88 -28.39 -45.27
CA ASP A 442 32.71 -29.25 -44.09
C ASP A 442 32.91 -28.45 -42.81
N LEU A 443 33.87 -27.53 -42.83
CA LEU A 443 34.13 -26.70 -41.65
C LEU A 443 33.02 -25.68 -41.39
N LYS A 444 32.45 -25.13 -42.44
CA LYS A 444 31.36 -24.18 -42.28
C LYS A 444 30.17 -24.94 -41.70
N LYS A 445 29.99 -26.18 -42.14
CA LYS A 445 28.89 -26.98 -41.64
C LYS A 445 29.10 -27.23 -40.16
N LYS A 446 30.34 -27.54 -39.78
CA LYS A 446 30.66 -27.81 -38.38
C LYS A 446 30.34 -26.59 -37.52
N TYR A 447 30.68 -25.41 -38.02
CA TYR A 447 30.43 -24.17 -37.32
C TYR A 447 28.93 -24.00 -37.08
N TYR A 448 28.16 -24.16 -38.14
CA TYR A 448 26.72 -24.02 -38.05
C TYR A 448 26.07 -25.03 -37.12
N GLU A 449 26.66 -26.22 -37.00
CA GLU A 449 26.10 -27.25 -36.13
C GLU A 449 26.50 -27.13 -34.67
N GLU A 450 27.43 -26.23 -34.35
CA GLU A 450 27.83 -26.03 -32.96
C GLU A 450 26.63 -25.43 -32.24
N PRO A 451 26.32 -25.94 -31.04
CA PRO A 451 25.19 -25.49 -30.23
C PRO A 451 25.32 -24.12 -29.56
N ARG A 452 24.20 -23.44 -29.45
CA ARG A 452 24.10 -22.12 -28.81
C ARG A 452 25.23 -21.14 -29.11
N LYS A 453 25.44 -20.83 -30.38
CA LYS A 453 26.48 -19.89 -30.74
C LYS A 453 26.03 -18.48 -30.39
N GLY A 454 24.74 -18.24 -30.50
CA GLY A 454 24.23 -16.93 -30.16
C GLY A 454 23.86 -16.06 -31.35
N ILE A 455 23.47 -14.83 -31.04
CA ILE A 455 23.01 -13.85 -32.02
C ILE A 455 24.05 -13.23 -32.95
N GLN A 456 25.33 -13.54 -32.76
CA GLN A 456 26.38 -12.96 -33.61
C GLN A 456 26.97 -13.99 -34.58
N ALA A 457 26.39 -15.19 -34.62
CA ALA A 457 26.90 -16.26 -35.46
C ALA A 457 27.19 -15.90 -36.92
N GLU A 458 26.22 -15.33 -37.62
CA GLU A 458 26.42 -14.99 -39.04
C GLU A 458 27.40 -13.83 -39.27
N GLU A 459 27.32 -12.81 -38.42
CA GLU A 459 28.21 -11.66 -38.56
C GLU A 459 29.67 -12.04 -38.32
N ILE A 460 29.92 -12.85 -37.30
CA ILE A 460 31.29 -13.25 -36.99
C ILE A 460 31.86 -14.12 -38.11
N LEU A 461 31.07 -15.07 -38.59
CA LEU A 461 31.55 -15.94 -39.67
C LEU A 461 31.78 -15.19 -40.98
N GLN A 462 30.78 -14.42 -41.40
CA GLN A 462 30.87 -13.69 -42.67
C GLN A 462 32.01 -12.68 -42.70
N THR A 463 32.25 -11.99 -41.60
CA THR A 463 33.33 -11.01 -41.54
C THR A 463 34.66 -11.73 -41.75
N TYR A 464 34.80 -12.89 -41.12
CA TYR A 464 36.01 -13.68 -41.26
C TYR A 464 36.18 -14.21 -42.68
N LEU A 465 35.15 -14.87 -43.20
CA LEU A 465 35.22 -15.42 -44.55
C LEU A 465 35.52 -14.33 -45.59
N LYS A 466 34.92 -13.16 -45.43
CA LYS A 466 35.18 -12.09 -46.37
C LYS A 466 36.64 -11.63 -46.30
N SER A 467 37.18 -11.51 -45.09
CA SER A 467 38.56 -11.07 -44.92
C SER A 467 39.58 -12.03 -45.51
N LYS A 468 39.18 -13.29 -45.68
CA LYS A 468 40.08 -14.32 -46.22
C LYS A 468 39.69 -14.77 -47.62
N GLU A 469 38.92 -13.92 -48.30
CA GLU A 469 38.42 -14.19 -49.65
C GLU A 469 39.53 -14.54 -50.65
N SER A 470 40.67 -13.88 -50.52
CA SER A 470 41.80 -14.10 -51.44
C SER A 470 42.35 -15.52 -51.40
N MET A 471 42.12 -16.21 -50.29
CA MET A 471 42.62 -17.58 -50.12
C MET A 471 42.03 -18.53 -51.16
N THR A 472 40.72 -18.46 -51.35
CA THR A 472 40.04 -19.31 -52.32
C THR A 472 40.60 -19.09 -53.72
N ASP A 473 40.71 -17.83 -54.13
CA ASP A 473 41.22 -17.52 -55.46
C ASP A 473 42.66 -18.00 -55.64
N ALA A 474 43.47 -17.88 -54.59
CA ALA A 474 44.87 -18.32 -54.64
C ALA A 474 45.00 -19.81 -54.95
N ILE A 475 44.19 -20.63 -54.29
CA ILE A 475 44.23 -22.06 -54.50
C ILE A 475 43.68 -22.45 -55.86
N LEU A 476 42.62 -21.77 -56.27
CA LEU A 476 41.97 -22.04 -57.56
C LEU A 476 42.90 -21.84 -58.73
N GLN A 477 43.49 -20.66 -58.84
CA GLN A 477 44.38 -20.34 -59.94
C GLN A 477 45.63 -21.21 -59.97
N THR A 478 45.98 -21.79 -58.82
CA THR A 478 47.17 -22.63 -58.74
C THR A 478 46.95 -24.04 -59.28
N ASP A 479 45.76 -24.59 -59.01
CA ASP A 479 45.43 -25.94 -59.46
C ASP A 479 45.49 -26.05 -60.97
N GLN A 480 46.26 -27.02 -61.46
CA GLN A 480 46.42 -27.22 -62.89
C GLN A 480 45.48 -28.31 -63.43
N THR A 481 44.88 -29.07 -62.52
CA THR A 481 43.98 -30.14 -62.91
C THR A 481 42.61 -29.59 -63.30
N LEU A 482 42.50 -28.28 -63.35
CA LEU A 482 41.25 -27.62 -63.71
C LEU A 482 41.44 -26.76 -64.95
N THR A 483 40.56 -26.95 -65.94
CA THR A 483 40.61 -26.19 -67.17
C THR A 483 40.29 -24.72 -66.86
N GLU A 484 40.65 -23.81 -67.76
CA GLU A 484 40.38 -22.40 -67.55
C GLU A 484 38.89 -22.09 -67.48
N LYS A 485 38.10 -22.78 -68.29
CA LYS A 485 36.65 -22.58 -68.30
C LYS A 485 36.09 -23.00 -66.94
N GLU A 486 36.60 -24.12 -66.42
CA GLU A 486 36.14 -24.62 -65.13
C GLU A 486 36.48 -23.62 -64.03
N LYS A 487 37.64 -22.96 -64.15
CA LYS A 487 38.02 -21.97 -63.14
C LYS A 487 37.10 -20.76 -63.21
N GLU A 488 36.70 -20.39 -64.42
CA GLU A 488 35.80 -19.26 -64.61
C GLU A 488 34.46 -19.55 -63.93
N ILE A 489 34.03 -20.81 -64.00
CA ILE A 489 32.78 -21.24 -63.39
C ILE A 489 32.90 -21.13 -61.88
N GLU A 490 34.03 -21.60 -61.34
CA GLU A 490 34.26 -21.55 -59.91
C GLU A 490 34.31 -20.15 -59.35
N VAL A 491 34.90 -19.23 -60.10
CA VAL A 491 34.98 -17.85 -59.64
C VAL A 491 33.56 -17.28 -59.49
N GLU A 492 32.71 -17.58 -60.45
CA GLU A 492 31.33 -17.08 -60.39
C GLU A 492 30.54 -17.77 -59.28
N ARG A 493 30.85 -19.04 -59.03
CA ARG A 493 30.15 -19.77 -57.97
C ARG A 493 30.52 -19.19 -56.61
N VAL A 494 31.81 -18.89 -56.42
CA VAL A 494 32.30 -18.33 -55.17
C VAL A 494 31.74 -16.92 -54.96
N LYS A 495 31.60 -16.15 -56.03
CA LYS A 495 31.04 -14.82 -55.92
C LYS A 495 29.60 -14.91 -55.45
N ALA A 496 28.88 -15.90 -55.95
CA ALA A 496 27.49 -16.10 -55.57
C ALA A 496 27.40 -16.53 -54.10
N GLU A 497 28.32 -17.39 -53.66
CA GLU A 497 28.26 -17.83 -52.27
C GLU A 497 28.62 -16.69 -51.32
N SER A 498 29.51 -15.81 -51.74
CA SER A 498 29.88 -14.67 -50.90
C SER A 498 28.67 -13.77 -50.74
N ALA A 499 27.93 -13.56 -51.83
CA ALA A 499 26.74 -12.72 -51.79
C ALA A 499 25.68 -13.33 -50.88
N GLN A 500 25.58 -14.66 -50.88
CA GLN A 500 24.61 -15.32 -50.02
C GLN A 500 25.01 -15.20 -48.55
N ALA A 501 26.31 -15.29 -48.28
CA ALA A 501 26.81 -15.15 -46.92
C ALA A 501 26.50 -13.75 -46.44
N SER A 502 26.66 -12.77 -47.33
CA SER A 502 26.40 -11.39 -46.98
C SER A 502 24.92 -11.22 -46.62
N ALA A 503 24.05 -11.86 -47.41
CA ALA A 503 22.62 -11.78 -47.17
C ALA A 503 22.25 -12.36 -45.80
N LYS A 504 22.90 -13.45 -45.40
CA LYS A 504 22.62 -14.05 -44.10
C LYS A 504 23.00 -13.09 -42.98
N MET A 505 24.12 -12.39 -43.15
CA MET A 505 24.59 -11.43 -42.14
C MET A 505 23.66 -10.21 -42.10
N LEU A 506 23.25 -9.74 -43.27
CA LEU A 506 22.37 -8.59 -43.36
C LEU A 506 21.00 -8.90 -42.76
N HIS A 507 20.48 -10.08 -43.04
CA HIS A 507 19.18 -10.46 -42.50
C HIS A 507 19.26 -10.59 -40.97
N GLU A 508 20.34 -11.18 -40.49
CA GLU A 508 20.55 -11.36 -39.05
C GLU A 508 20.45 -9.99 -38.36
N MET A 509 21.11 -9.01 -38.95
CA MET A 509 21.15 -7.64 -38.43
C MET A 509 19.76 -7.00 -38.44
N GLN A 510 19.07 -7.14 -39.57
CA GLN A 510 17.75 -6.55 -39.70
C GLN A 510 16.73 -7.18 -38.76
N ARG A 511 16.74 -8.50 -38.69
CA ARG A 511 15.80 -9.21 -37.82
C ARG A 511 15.98 -8.83 -36.37
N LYS A 512 17.22 -8.70 -35.91
CA LYS A 512 17.49 -8.33 -34.53
C LYS A 512 16.85 -6.97 -34.24
N ASN A 513 17.03 -6.01 -35.14
CA ASN A 513 16.45 -4.69 -34.93
C ASN A 513 14.93 -4.75 -34.85
N GLU A 514 14.33 -5.54 -35.73
CA GLU A 514 12.87 -5.70 -35.72
C GLU A 514 12.39 -6.28 -34.40
N GLN A 515 13.09 -7.30 -33.91
CA GLN A 515 12.71 -7.92 -32.64
C GLN A 515 12.84 -6.96 -31.48
N MET A 516 13.85 -6.10 -31.50
CA MET A 516 14.02 -5.13 -30.42
C MET A 516 12.87 -4.13 -30.47
N MET A 517 12.53 -3.66 -31.66
CA MET A 517 11.44 -2.71 -31.82
C MET A 517 10.13 -3.33 -31.36
N GLU A 518 9.90 -4.58 -31.75
CA GLU A 518 8.68 -5.30 -31.38
C GLU A 518 8.58 -5.47 -29.87
N GLN A 519 9.71 -5.76 -29.22
CA GLN A 519 9.72 -5.94 -27.77
C GLN A 519 9.42 -4.61 -27.06
N LYS A 520 9.95 -3.52 -27.60
CA LYS A 520 9.71 -2.20 -27.02
C LYS A 520 8.22 -1.92 -26.98
N GLU A 521 7.55 -2.19 -28.09
CA GLU A 521 6.10 -1.98 -28.21
C GLU A 521 5.33 -2.90 -27.28
N ARG A 522 5.76 -4.15 -27.20
CA ARG A 522 5.09 -5.11 -26.33
C ARG A 522 5.22 -4.74 -24.86
N SER A 523 6.40 -4.25 -24.46
CA SER A 523 6.63 -3.85 -23.07
C SER A 523 5.73 -2.67 -22.74
N TYR A 524 5.67 -1.70 -23.64
CA TYR A 524 4.82 -0.52 -23.44
C TYR A 524 3.38 -0.95 -23.25
N GLN A 525 2.92 -1.88 -24.10
CA GLN A 525 1.55 -2.36 -24.01
C GLN A 525 1.28 -3.15 -22.73
N GLU A 526 2.31 -3.83 -22.21
CA GLU A 526 2.14 -4.61 -20.99
C GLU A 526 1.93 -3.67 -19.81
N HIS A 527 2.68 -2.58 -19.79
CA HIS A 527 2.53 -1.59 -18.73
C HIS A 527 1.13 -1.00 -18.78
N LEU A 528 0.73 -0.61 -19.98
CA LEU A 528 -0.60 -0.01 -20.18
C LEU A 528 -1.72 -0.95 -19.76
N LYS A 529 -1.59 -2.22 -20.12
CA LYS A 529 -2.59 -3.23 -19.80
C LYS A 529 -2.78 -3.38 -18.29
N GLN A 530 -1.68 -3.58 -17.57
CA GLN A 530 -1.77 -3.76 -16.12
C GLN A 530 -2.20 -2.48 -15.41
N LEU A 531 -1.81 -1.33 -15.96
CA LEU A 531 -2.19 -0.05 -15.36
C LEU A 531 -3.69 0.18 -15.53
N THR A 532 -4.18 -0.04 -16.75
CA THR A 532 -5.59 0.14 -17.05
C THR A 532 -6.44 -0.76 -16.17
N GLU A 533 -5.94 -1.96 -15.90
CA GLU A 533 -6.63 -2.91 -15.07
C GLU A 533 -6.64 -2.45 -13.60
N LYS A 534 -5.52 -1.89 -13.14
CA LYS A 534 -5.47 -1.43 -11.76
C LYS A 534 -6.33 -0.19 -11.58
N MET A 535 -6.33 0.70 -12.56
CA MET A 535 -7.14 1.92 -12.49
C MET A 535 -8.61 1.57 -12.47
N GLU A 536 -8.96 0.49 -13.17
CA GLU A 536 -10.35 0.04 -13.24
C GLU A 536 -10.74 -0.48 -11.86
N ASN A 537 -9.86 -1.27 -11.26
CA ASN A 537 -10.11 -1.84 -9.93
C ASN A 537 -10.19 -0.73 -8.88
N ASP A 538 -9.37 0.30 -9.04
CA ASP A 538 -9.38 1.41 -8.09
C ASP A 538 -10.69 2.19 -8.22
N ARG A 539 -11.16 2.36 -9.45
CA ARG A 539 -12.41 3.08 -9.69
C ARG A 539 -13.57 2.38 -9.00
N VAL A 540 -13.60 1.05 -9.14
CA VAL A 540 -14.65 0.24 -8.54
C VAL A 540 -14.63 0.33 -7.01
N GLN A 541 -13.44 0.26 -6.44
CA GLN A 541 -13.27 0.33 -4.99
C GLN A 541 -13.71 1.68 -4.44
N LEU A 542 -13.35 2.76 -5.14
CA LEU A 542 -13.73 4.10 -4.72
C LEU A 542 -15.25 4.27 -4.78
N LEU A 543 -15.84 3.86 -5.89
CA LEU A 543 -17.28 3.98 -6.06
C LEU A 543 -18.00 3.23 -4.94
N LYS A 544 -17.47 2.06 -4.59
CA LYS A 544 -18.04 1.25 -3.52
C LYS A 544 -18.02 2.05 -2.22
N GLU A 545 -16.88 2.70 -1.94
CA GLU A 545 -16.76 3.51 -0.73
C GLU A 545 -17.71 4.69 -0.77
N GLN A 546 -17.85 5.29 -1.95
CA GLN A 546 -18.74 6.43 -2.10
C GLN A 546 -20.20 6.00 -1.94
N GLU A 547 -20.52 4.80 -2.39
CA GLU A 547 -21.90 4.30 -2.26
C GLU A 547 -22.26 4.11 -0.79
N ARG A 548 -21.26 3.71 0.02
CA ARG A 548 -21.49 3.52 1.45
C ARG A 548 -21.76 4.89 2.07
N THR A 549 -20.95 5.87 1.71
CA THR A 549 -21.14 7.23 2.24
C THR A 549 -22.51 7.75 1.82
N LEU A 550 -22.89 7.48 0.57
CA LEU A 550 -24.18 7.93 0.07
C LEU A 550 -25.29 7.31 0.91
N ALA A 551 -25.17 6.02 1.19
CA ALA A 551 -26.16 5.31 1.99
C ALA A 551 -26.27 5.89 3.40
N LEU A 552 -25.13 6.22 3.99
CA LEU A 552 -25.12 6.80 5.34
C LEU A 552 -25.75 8.18 5.35
N LYS A 553 -25.47 8.98 4.32
CA LYS A 553 -26.05 10.33 4.27
C LYS A 553 -27.55 10.32 3.99
N LEU A 554 -28.00 9.39 3.15
CA LEU A 554 -29.42 9.30 2.83
C LEU A 554 -30.16 8.90 4.11
N GLN A 555 -29.58 7.98 4.86
CA GLN A 555 -30.14 7.49 6.11
C GLN A 555 -30.35 8.66 7.07
N GLU A 556 -29.32 9.47 7.28
CA GLU A 556 -29.43 10.62 8.17
C GLU A 556 -30.44 11.63 7.67
N GLN A 557 -30.47 11.84 6.36
CA GLN A 557 -31.41 12.78 5.76
C GLN A 557 -32.83 12.35 6.10
N GLU A 558 -33.10 11.05 6.02
CA GLU A 558 -34.43 10.53 6.33
C GLU A 558 -34.77 10.67 7.81
N GLN A 559 -33.81 10.40 8.69
CA GLN A 559 -34.05 10.52 10.11
C GLN A 559 -34.42 11.96 10.45
N LEU A 560 -33.70 12.90 9.85
CA LEU A 560 -33.93 14.32 10.08
C LEU A 560 -35.31 14.76 9.61
N LEU A 561 -35.74 14.24 8.46
CA LEU A 561 -37.04 14.57 7.92
C LEU A 561 -38.14 13.97 8.79
N LYS A 562 -37.98 12.70 9.15
CA LYS A 562 -38.95 12.00 9.99
C LYS A 562 -39.05 12.66 11.34
N GLU A 563 -37.92 13.21 11.80
CA GLU A 563 -37.87 13.88 13.09
C GLU A 563 -38.59 15.22 12.99
N GLY A 564 -38.76 15.69 11.77
CA GLY A 564 -39.45 16.95 11.54
C GLY A 564 -38.57 18.14 11.23
N PHE A 565 -37.30 17.91 10.94
CA PHE A 565 -36.38 19.00 10.63
C PHE A 565 -36.00 19.07 9.16
N GLN A 566 -36.75 19.90 8.41
CA GLN A 566 -36.51 20.06 6.98
C GLN A 566 -35.28 20.92 6.69
N LYS A 567 -35.06 21.95 7.48
CA LYS A 567 -33.91 22.84 7.27
C LYS A 567 -32.60 22.06 7.30
N GLU A 568 -32.47 21.14 8.25
CA GLU A 568 -31.26 20.33 8.35
C GLU A 568 -31.28 19.20 7.34
N SER A 569 -32.46 18.63 7.11
CA SER A 569 -32.62 17.53 6.16
C SER A 569 -32.27 17.99 4.75
N ARG A 570 -32.61 19.24 4.44
CA ARG A 570 -32.32 19.79 3.12
C ARG A 570 -30.82 20.02 2.98
N ILE A 571 -30.15 20.32 4.09
CA ILE A 571 -28.71 20.55 4.08
C ILE A 571 -28.00 19.24 3.73
N MET A 572 -28.59 18.12 4.15
CA MET A 572 -28.03 16.80 3.88
C MET A 572 -28.11 16.53 2.38
N LYS A 573 -29.25 16.85 1.79
CA LYS A 573 -29.45 16.64 0.36
C LYS A 573 -28.36 17.37 -0.42
N ASN A 574 -27.93 18.50 0.12
CA ASN A 574 -26.89 19.31 -0.49
C ASN A 574 -25.58 18.53 -0.52
N GLU A 575 -25.21 17.95 0.63
CA GLU A 575 -23.98 17.17 0.71
C GLU A 575 -24.06 15.95 -0.21
N ILE A 576 -25.27 15.40 -0.34
CA ILE A 576 -25.46 14.24 -1.19
C ILE A 576 -25.22 14.61 -2.65
N GLN A 577 -25.72 15.76 -3.07
CA GLN A 577 -25.53 16.17 -4.45
C GLN A 577 -24.04 16.36 -4.74
N ASP A 578 -23.33 16.99 -3.80
CA ASP A 578 -21.91 17.21 -3.97
C ASP A 578 -21.13 15.90 -4.04
N LEU A 579 -21.55 14.91 -3.25
CA LEU A 579 -20.88 13.61 -3.27
C LEU A 579 -21.09 12.96 -4.64
N GLN A 580 -22.29 13.10 -5.18
CA GLN A 580 -22.61 12.50 -6.47
C GLN A 580 -21.84 13.11 -7.64
N THR A 581 -21.36 14.34 -7.48
CA THR A 581 -20.60 14.95 -8.56
C THR A 581 -19.21 14.29 -8.61
N LYS A 582 -18.78 13.72 -7.48
CA LYS A 582 -17.49 13.06 -7.38
C LYS A 582 -17.53 11.61 -7.88
N MET A 583 -18.73 11.02 -7.93
CA MET A 583 -18.87 9.62 -8.36
C MET A 583 -18.73 9.43 -9.86
MG MG B . -6.22 7.40 32.50
PG GNP C . -7.27 10.29 33.58
O1G GNP C . -6.81 11.51 34.23
O2G GNP C . -6.14 9.53 33.14
O3G GNP C . -7.96 10.74 32.29
N3B GNP C . -8.33 9.43 34.48
PB GNP C . -9.14 8.13 33.91
O1B GNP C . -10.41 8.45 33.24
O2B GNP C . -8.34 7.20 33.19
O3A GNP C . -9.58 7.31 35.23
PA GNP C . -8.90 5.96 35.83
O1A GNP C . -9.24 4.81 34.95
O2A GNP C . -7.47 6.21 36.12
O5' GNP C . -9.72 5.82 37.20
C5' GNP C . -9.66 6.87 38.20
C4' GNP C . -10.39 6.41 39.48
O4' GNP C . -11.78 6.18 39.20
C3' GNP C . -9.83 5.11 40.08
O3' GNP C . -9.88 5.17 41.52
C2' GNP C . -10.82 4.05 39.54
O2' GNP C . -10.92 2.91 40.41
C1' GNP C . -12.13 4.85 39.59
N9 GNP C . -13.16 4.30 38.66
C8 GNP C . -13.04 3.39 37.61
N7 GNP C . -14.15 3.13 37.01
C5 GNP C . -15.09 3.92 37.68
C6 GNP C . -16.54 4.08 37.49
O6 GNP C . -17.27 3.51 36.66
N1 GNP C . -17.10 4.98 38.40
C2 GNP C . -16.41 5.72 39.33
N2 GNP C . -17.07 6.62 40.08
N3 GNP C . -15.05 5.57 39.52
C4 GNP C . -14.47 4.65 38.68
#